data_6MQ7
#
_entry.id   6MQ7
#
_cell.length_a   51.606
_cell.length_b   67.352
_cell.length_c   81.022
_cell.angle_alpha   90.00
_cell.angle_beta   98.25
_cell.angle_gamma   90.00
#
_symmetry.space_group_name_H-M   'P 1 21 1'
#
loop_
_entity.id
_entity.type
_entity.pdbx_description
1 polymer 'CLIP-associating protein 1'
2 water water
#
_entity_poly.entity_id   1
_entity_poly.type   'polypeptide(L)'
_entity_poly.pdbx_seq_one_letter_code
;GSHMGSKSSAAKEGAGAVDEEDFIKAFDDVPVVQIYSSRDLEESINKIREILSDDKHDWEQRVNALKKIRSLLLAGAAEY
DNFFQHLRLLDGAFKLSAKDLRSQVVREACITLGHLSSVLGNKFDHGAEAIMPTIFNLIPNSAKIMATSGVVAVRLIIRH
THIPRLIPVITSNCTSKSVAVRRRCFEFLDLLLQEWQTHSLERHISVLAETIKKGIHDADSEARIEARKCYWGFHSHFSR
EAEHLYHTLESSYQKALQSHLKNSDSIVSLPQS
;
_entity_poly.pdbx_strand_id   A,B
#
# COMPACT_ATOMS: atom_id res chain seq x y z
N GLY A 16 4.58 -0.07 -31.75
CA GLY A 16 4.70 -0.47 -30.36
C GLY A 16 6.09 -0.29 -29.82
N ALA A 17 7.08 -0.47 -30.70
CA ALA A 17 8.48 -0.30 -30.33
C ALA A 17 8.79 1.16 -29.99
N VAL A 18 8.11 2.07 -30.68
CA VAL A 18 8.29 3.50 -30.42
C VAL A 18 7.71 3.90 -29.06
N ASP A 19 6.53 3.36 -28.72
CA ASP A 19 5.90 3.65 -27.43
C ASP A 19 6.75 3.13 -26.28
N GLU A 20 7.32 1.95 -26.47
CA GLU A 20 8.20 1.36 -25.47
C GLU A 20 9.43 2.23 -25.29
N GLU A 21 10.02 2.65 -26.41
CA GLU A 21 11.20 3.51 -26.35
C GLU A 21 10.88 4.86 -25.71
N ASP A 22 9.66 5.34 -25.94
CA ASP A 22 9.21 6.60 -25.34
C ASP A 22 9.16 6.52 -23.81
N PHE A 23 8.66 5.40 -23.28
CA PHE A 23 8.70 5.16 -21.83
C PHE A 23 10.12 5.18 -21.32
N ILE A 24 11.00 4.42 -21.98
CA ILE A 24 12.38 4.29 -21.52
C ILE A 24 13.06 5.66 -21.47
N LYS A 25 12.84 6.50 -22.48
CA LYS A 25 13.43 7.84 -22.53
C LYS A 25 12.89 8.71 -21.40
N ALA A 26 11.67 8.45 -20.98
CA ALA A 26 11.05 9.22 -19.90
C ALA A 26 11.57 8.81 -18.52
N PHE A 27 12.16 7.62 -18.40
CA PHE A 27 12.60 7.08 -17.10
C PHE A 27 13.34 8.10 -16.24
N ASP A 28 14.39 8.70 -16.81
CA ASP A 28 15.22 9.62 -16.03
C ASP A 28 14.93 11.09 -16.30
N ASP A 29 13.83 11.38 -16.98
CA ASP A 29 13.43 12.76 -17.22
C ASP A 29 12.61 13.26 -16.04
N VAL A 30 13.30 13.37 -14.90
CA VAL A 30 12.69 13.62 -13.60
C VAL A 30 13.72 14.41 -12.77
N PRO A 31 13.30 15.11 -11.72
CA PRO A 31 14.30 15.85 -10.94
C PRO A 31 15.35 14.97 -10.27
N VAL A 32 16.55 15.52 -10.06
CA VAL A 32 17.53 14.87 -9.21
C VAL A 32 17.15 15.13 -7.75
N VAL A 33 17.12 14.08 -6.94
CA VAL A 33 16.81 14.24 -5.52
C VAL A 33 17.91 13.68 -4.63
N GLN A 34 17.95 14.17 -3.39
CA GLN A 34 18.89 13.64 -2.40
C GLN A 34 18.20 12.71 -1.42
N ILE A 35 18.93 11.69 -0.95
CA ILE A 35 18.46 10.86 0.16
C ILE A 35 19.40 11.07 1.36
N TYR A 36 18.91 11.78 2.36
CA TYR A 36 19.77 12.24 3.44
C TYR A 36 20.01 11.21 4.55
N SER A 37 19.26 10.11 4.48
CA SER A 37 19.30 9.04 5.49
C SER A 37 18.26 7.97 5.16
N SER A 38 18.34 6.85 5.87
CA SER A 38 17.34 5.80 5.76
C SER A 38 15.97 6.33 6.20
N ARG A 39 15.98 7.15 7.23
CA ARG A 39 14.76 7.78 7.73
C ARG A 39 14.18 8.72 6.69
N ASP A 40 15.04 9.53 6.08
CA ASP A 40 14.63 10.47 5.04
C ASP A 40 13.96 9.75 3.85
N LEU A 41 14.52 8.61 3.42
CA LEU A 41 13.93 7.83 2.33
C LEU A 41 12.53 7.33 2.70
N GLU A 42 12.40 6.80 3.91
CA GLU A 42 11.11 6.29 4.38
C GLU A 42 10.07 7.38 4.40
N GLU A 43 10.45 8.55 4.91
CA GLU A 43 9.53 9.67 4.99
C GLU A 43 9.16 10.20 3.59
N SER A 44 10.10 10.14 2.65
CA SER A 44 9.80 10.56 1.28
C SER A 44 8.77 9.63 0.66
N ILE A 45 8.92 8.33 0.89
CA ILE A 45 7.98 7.38 0.33
C ILE A 45 6.63 7.50 1.06
N ASN A 46 6.66 7.80 2.36
CA ASN A 46 5.42 8.07 3.10
C ASN A 46 4.63 9.22 2.50
N LYS A 47 5.34 10.26 2.10
CA LYS A 47 4.71 11.45 1.54
C LYS A 47 4.11 11.18 0.16
N ILE A 48 4.85 10.41 -0.64
CA ILE A 48 4.37 9.95 -1.95
C ILE A 48 3.11 9.10 -1.78
N ARG A 49 3.09 8.21 -0.77
CA ARG A 49 1.90 7.39 -0.51
C ARG A 49 0.70 8.26 -0.18
N GLU A 50 0.91 9.24 0.69
CA GLU A 50 -0.17 10.14 1.06
C GLU A 50 -0.78 10.87 -0.14
N ILE A 51 0.10 11.44 -0.96
CA ILE A 51 -0.32 12.15 -2.16
C ILE A 51 -1.10 11.24 -3.13
N LEU A 52 -0.57 10.06 -3.40
CA LEU A 52 -1.18 9.15 -4.37
C LEU A 52 -2.37 8.36 -3.84
N SER A 53 -2.64 8.43 -2.54
CA SER A 53 -3.70 7.62 -1.93
C SER A 53 -4.99 8.41 -1.80
N ASP A 54 -4.93 9.69 -2.13
CA ASP A 54 -6.10 10.55 -2.04
C ASP A 54 -6.73 10.73 -3.41
N ASP A 55 -7.96 10.26 -3.55
CA ASP A 55 -8.71 10.36 -4.79
C ASP A 55 -8.82 11.80 -5.31
N LYS A 56 -8.90 12.76 -4.38
CA LYS A 56 -9.13 14.16 -4.74
C LYS A 56 -7.87 15.02 -4.78
N HIS A 57 -6.72 14.42 -4.51
CA HIS A 57 -5.47 15.18 -4.51
C HIS A 57 -5.13 15.70 -5.91
N ASP A 58 -4.61 16.92 -5.97
CA ASP A 58 -4.21 17.58 -7.22
C ASP A 58 -3.47 16.66 -8.21
N TRP A 59 -3.98 16.56 -9.44
CA TRP A 59 -3.47 15.58 -10.38
C TRP A 59 -2.02 15.85 -10.81
N GLU A 60 -1.65 17.11 -10.97
CA GLU A 60 -0.28 17.45 -11.31
C GLU A 60 0.68 17.06 -10.19
N GLN A 61 0.22 17.18 -8.95
CA GLN A 61 1.04 16.79 -7.82
C GLN A 61 1.18 15.27 -7.77
N ARG A 62 0.18 14.55 -8.27
CA ARG A 62 0.24 13.10 -8.33
C ARG A 62 1.23 12.66 -9.41
N VAL A 63 1.26 13.38 -10.53
CA VAL A 63 2.22 13.07 -11.59
C VAL A 63 3.65 13.26 -11.06
N ASN A 64 3.86 14.34 -10.32
CA ASN A 64 5.19 14.61 -9.76
C ASN A 64 5.60 13.60 -8.70
N ALA A 65 4.63 13.17 -7.89
CA ALA A 65 4.90 12.13 -6.90
C ALA A 65 5.31 10.82 -7.59
N LEU A 66 4.63 10.48 -8.69
CA LEU A 66 5.02 9.28 -9.44
C LEU A 66 6.41 9.44 -10.06
N LYS A 67 6.72 10.66 -10.52
CA LYS A 67 8.05 10.93 -11.03
C LYS A 67 9.12 10.82 -9.93
N LYS A 68 8.78 11.27 -8.73
CA LYS A 68 9.75 11.29 -7.64
C LYS A 68 10.17 9.87 -7.24
N ILE A 69 9.27 8.91 -7.42
CA ILE A 69 9.64 7.52 -7.24
C ILE A 69 10.81 7.17 -8.19
N ARG A 70 10.74 7.63 -9.43
CA ARG A 70 11.85 7.42 -10.36
C ARG A 70 13.10 8.18 -9.91
N SER A 71 12.91 9.41 -9.44
CA SER A 71 14.02 10.19 -8.88
C SER A 71 14.74 9.40 -7.80
N LEU A 72 13.97 8.79 -6.91
CA LEU A 72 14.56 8.07 -5.78
C LEU A 72 15.35 6.86 -6.26
N LEU A 73 14.80 6.11 -7.22
CA LEU A 73 15.53 5.00 -7.81
C LEU A 73 16.88 5.43 -8.37
N LEU A 74 16.89 6.59 -9.01
CA LEU A 74 18.09 7.10 -9.66
C LEU A 74 19.08 7.62 -8.62
N ALA A 75 18.59 7.90 -7.42
CA ALA A 75 19.45 8.32 -6.31
C ALA A 75 19.97 7.12 -5.50
N GLY A 76 19.61 5.92 -5.93
CA GLY A 76 20.10 4.71 -5.27
C GLY A 76 19.23 4.19 -4.13
N ALA A 77 17.93 4.47 -4.18
CA ALA A 77 17.03 4.06 -3.11
C ALA A 77 16.96 2.55 -2.94
N ALA A 78 17.08 1.83 -4.06
CA ALA A 78 16.95 0.38 -4.04
C ALA A 78 18.01 -0.30 -3.17
N GLU A 79 19.06 0.44 -2.83
CA GLU A 79 20.15 -0.11 -2.02
C GLU A 79 19.89 -0.11 -0.52
N TYR A 80 18.89 0.64 -0.07
CA TYR A 80 18.63 0.78 1.36
C TYR A 80 17.98 -0.48 1.94
N ASP A 81 18.32 -0.77 3.20
CA ASP A 81 17.86 -1.98 3.90
C ASP A 81 16.35 -2.21 3.78
N ASN A 82 15.57 -1.16 4.01
CA ASN A 82 14.12 -1.29 4.08
C ASN A 82 13.39 -0.90 2.80
N PHE A 83 14.12 -0.81 1.68
CA PHE A 83 13.51 -0.29 0.46
C PHE A 83 12.30 -1.11 -0.01
N PHE A 84 12.42 -2.43 0.02
CA PHE A 84 11.33 -3.25 -0.50
C PHE A 84 10.13 -3.25 0.44
N GLN A 85 10.37 -3.02 1.73
CA GLN A 85 9.28 -2.73 2.65
C GLN A 85 8.55 -1.46 2.24
N HIS A 86 9.32 -0.40 1.97
CA HIS A 86 8.73 0.85 1.51
C HIS A 86 7.92 0.66 0.23
N LEU A 87 8.46 -0.11 -0.71
CA LEU A 87 7.82 -0.29 -2.01
C LEU A 87 6.48 -1.04 -1.91
N ARG A 88 6.43 -2.04 -1.03
CA ARG A 88 5.18 -2.72 -0.71
C ARG A 88 4.09 -1.73 -0.32
N LEU A 89 4.49 -0.70 0.42
CA LEU A 89 3.54 0.27 0.93
C LEU A 89 2.85 1.04 -0.19
N LEU A 90 3.45 1.05 -1.38
CA LEU A 90 2.90 1.81 -2.49
C LEU A 90 1.95 0.97 -3.35
N ASP A 91 1.64 -0.25 -2.91
CA ASP A 91 0.71 -1.14 -3.65
C ASP A 91 -0.59 -0.43 -3.99
N GLY A 92 -1.20 0.19 -2.98
CA GLY A 92 -2.49 0.84 -3.16
C GLY A 92 -2.35 2.06 -4.06
N ALA A 93 -1.28 2.81 -3.86
CA ALA A 93 -0.96 4.00 -4.64
C ALA A 93 -0.84 3.72 -6.15
N PHE A 94 -0.17 2.62 -6.49
CA PHE A 94 -0.05 2.25 -7.90
C PHE A 94 -1.41 1.87 -8.47
N LYS A 95 -2.16 1.06 -7.73
CA LYS A 95 -3.48 0.63 -8.22
C LYS A 95 -4.39 1.83 -8.45
N LEU A 96 -4.38 2.77 -7.50
CA LEU A 96 -5.23 3.95 -7.60
C LEU A 96 -4.80 4.79 -8.82
N SER A 97 -3.50 4.97 -8.98
CA SER A 97 -2.97 5.80 -10.06
C SER A 97 -3.28 5.21 -11.43
N ALA A 98 -3.18 3.88 -11.53
CA ALA A 98 -3.40 3.21 -12.82
C ALA A 98 -4.88 3.13 -13.17
N LYS A 99 -5.72 3.53 -12.24
CA LYS A 99 -7.18 3.53 -12.42
C LYS A 99 -7.73 4.93 -12.58
N ASP A 100 -6.85 5.93 -12.55
CA ASP A 100 -7.26 7.34 -12.56
C ASP A 100 -8.07 7.69 -13.82
N LEU A 101 -8.96 8.66 -13.67
CA LEU A 101 -9.73 9.18 -14.79
C LEU A 101 -8.85 9.93 -15.79
N ARG A 102 -7.73 10.47 -15.28
CA ARG A 102 -6.84 11.29 -16.09
C ARG A 102 -5.68 10.48 -16.66
N SER A 103 -5.59 10.42 -17.99
CA SER A 103 -4.54 9.64 -18.65
C SER A 103 -3.14 10.14 -18.29
N GLN A 104 -3.01 11.40 -17.87
CA GLN A 104 -1.69 11.91 -17.47
C GLN A 104 -1.17 11.13 -16.28
N VAL A 105 -2.07 10.86 -15.33
CA VAL A 105 -1.74 10.10 -14.13
C VAL A 105 -1.52 8.64 -14.44
N VAL A 106 -2.44 8.05 -15.21
CA VAL A 106 -2.28 6.66 -15.66
C VAL A 106 -0.97 6.43 -16.36
N ARG A 107 -0.64 7.31 -17.31
CA ARG A 107 0.55 7.14 -18.12
C ARG A 107 1.81 7.26 -17.27
N GLU A 108 1.83 8.22 -16.36
CA GLU A 108 3.00 8.41 -15.50
C GLU A 108 3.19 7.18 -14.63
N ALA A 109 2.09 6.63 -14.14
CA ALA A 109 2.17 5.43 -13.31
C ALA A 109 2.76 4.25 -14.10
N CYS A 110 2.32 4.09 -15.34
CA CYS A 110 2.85 3.02 -16.17
C CYS A 110 4.33 3.22 -16.48
N ILE A 111 4.75 4.47 -16.68
CA ILE A 111 6.17 4.73 -16.91
C ILE A 111 6.98 4.35 -15.66
N THR A 112 6.49 4.75 -14.48
CA THR A 112 7.22 4.47 -13.25
C THR A 112 7.24 2.96 -12.95
N LEU A 113 6.15 2.26 -13.27
CA LEU A 113 6.14 0.80 -13.14
C LEU A 113 7.19 0.15 -14.07
N GLY A 114 7.30 0.66 -15.29
CA GLY A 114 8.29 0.16 -16.23
C GLY A 114 9.70 0.42 -15.72
N HIS A 115 9.88 1.58 -15.09
CA HIS A 115 11.20 1.95 -14.53
C HIS A 115 11.57 1.05 -13.37
N LEU A 116 10.62 0.83 -12.46
CA LEU A 116 10.82 -0.11 -11.36
C LEU A 116 11.26 -1.49 -11.84
N SER A 117 10.56 -2.00 -12.85
CA SER A 117 10.91 -3.29 -13.43
C SER A 117 12.32 -3.29 -14.01
N SER A 118 12.68 -2.23 -14.74
CA SER A 118 13.99 -2.22 -15.39
C SER A 118 15.11 -2.05 -14.37
N VAL A 119 14.84 -1.35 -13.29
CA VAL A 119 15.85 -1.12 -12.26
C VAL A 119 16.01 -2.34 -11.33
N LEU A 120 14.89 -2.90 -10.88
CA LEU A 120 14.90 -3.99 -9.91
C LEU A 120 14.97 -5.39 -10.51
N GLY A 121 14.58 -5.51 -11.78
CA GLY A 121 14.55 -6.80 -12.44
C GLY A 121 13.69 -7.79 -11.68
N ASN A 122 14.28 -8.94 -11.35
CA ASN A 122 13.55 -10.00 -10.65
C ASN A 122 13.11 -9.63 -9.23
N LYS A 123 13.71 -8.58 -8.66
CA LYS A 123 13.33 -8.15 -7.31
C LYS A 123 12.06 -7.30 -7.31
N PHE A 124 11.49 -7.06 -8.49
CA PHE A 124 10.19 -6.39 -8.59
C PHE A 124 9.09 -7.46 -8.59
N ASP A 125 9.42 -8.66 -8.11
CA ASP A 125 8.51 -9.80 -8.16
C ASP A 125 7.18 -9.52 -7.46
N HIS A 126 7.23 -8.99 -6.24
CA HIS A 126 6.00 -8.71 -5.51
C HIS A 126 5.18 -7.59 -6.16
N GLY A 127 5.86 -6.49 -6.49
CA GLY A 127 5.17 -5.34 -7.06
C GLY A 127 4.55 -5.60 -8.43
N ALA A 128 5.26 -6.36 -9.26
CA ALA A 128 4.75 -6.71 -10.58
C ALA A 128 3.48 -7.57 -10.49
N GLU A 129 3.52 -8.60 -9.64
CA GLU A 129 2.35 -9.46 -9.48
C GLU A 129 1.16 -8.68 -8.92
N ALA A 130 1.43 -7.77 -8.00
CA ALA A 130 0.38 -7.01 -7.33
C ALA A 130 -0.32 -6.04 -8.27
N ILE A 131 0.41 -5.44 -9.20
CA ILE A 131 -0.17 -4.44 -10.09
C ILE A 131 -0.66 -5.01 -11.44
N MET A 132 -0.18 -6.20 -11.83
CA MET A 132 -0.45 -6.67 -13.19
C MET A 132 -1.94 -6.74 -13.55
N PRO A 133 -2.80 -7.31 -12.69
CA PRO A 133 -4.22 -7.30 -13.08
C PRO A 133 -4.77 -5.90 -13.36
N THR A 134 -4.36 -4.92 -12.57
CA THR A 134 -4.81 -3.55 -12.76
C THR A 134 -4.40 -3.00 -14.12
N ILE A 135 -3.17 -3.27 -14.54
CA ILE A 135 -2.75 -2.72 -15.83
C ILE A 135 -3.37 -3.53 -16.98
N PHE A 136 -3.65 -4.81 -16.75
CA PHE A 136 -4.38 -5.58 -17.76
C PHE A 136 -5.76 -4.99 -18.00
N ASN A 137 -6.34 -4.41 -16.95
CA ASN A 137 -7.64 -3.74 -17.10
C ASN A 137 -7.61 -2.51 -18.00
N LEU A 138 -6.42 -2.00 -18.29
CA LEU A 138 -6.29 -0.90 -19.26
C LEU A 138 -6.40 -1.37 -20.71
N ILE A 139 -6.01 -2.61 -20.95
CA ILE A 139 -5.91 -3.14 -22.32
C ILE A 139 -7.18 -2.95 -23.16
N PRO A 140 -8.38 -3.24 -22.61
CA PRO A 140 -9.55 -3.06 -23.47
C PRO A 140 -10.11 -1.64 -23.54
N ASN A 141 -9.51 -0.68 -22.84
CA ASN A 141 -9.96 0.71 -22.88
C ASN A 141 -9.96 1.25 -24.30
N SER A 142 -11.08 1.83 -24.73
CA SER A 142 -11.20 2.27 -26.11
C SER A 142 -10.35 3.51 -26.37
N ALA A 143 -9.93 4.20 -25.31
CA ALA A 143 -9.00 5.32 -25.45
C ALA A 143 -7.56 4.84 -25.69
N LYS A 144 -7.00 5.22 -26.85
CA LYS A 144 -5.68 4.73 -27.27
C LYS A 144 -4.59 4.99 -26.25
N ILE A 145 -4.55 6.17 -25.67
CA ILE A 145 -3.50 6.49 -24.71
C ILE A 145 -3.61 5.57 -23.47
N MET A 146 -4.84 5.29 -23.04
CA MET A 146 -5.03 4.43 -21.88
C MET A 146 -4.56 3.01 -22.17
N ALA A 147 -5.08 2.44 -23.26
CA ALA A 147 -4.70 1.08 -23.66
C ALA A 147 -3.19 0.92 -23.85
N THR A 148 -2.59 1.81 -24.63
CA THR A 148 -1.17 1.72 -24.94
C THR A 148 -0.28 1.82 -23.70
N SER A 149 -0.63 2.70 -22.76
CA SER A 149 0.16 2.84 -21.54
C SER A 149 0.23 1.50 -20.79
N GLY A 150 -0.91 0.81 -20.73
CA GLY A 150 -0.97 -0.45 -20.05
C GLY A 150 -0.21 -1.51 -20.82
N VAL A 151 -0.33 -1.51 -22.14
CA VAL A 151 0.37 -2.48 -22.97
C VAL A 151 1.89 -2.36 -22.77
N VAL A 152 2.39 -1.13 -22.87
CA VAL A 152 3.82 -0.89 -22.72
C VAL A 152 4.36 -1.26 -21.33
N ALA A 153 3.60 -0.95 -20.29
CA ALA A 153 4.00 -1.32 -18.92
C ALA A 153 4.12 -2.84 -18.78
N VAL A 154 3.15 -3.58 -19.33
CA VAL A 154 3.23 -5.04 -19.27
C VAL A 154 4.45 -5.58 -20.03
N ARG A 155 4.72 -5.01 -21.21
CA ARG A 155 5.85 -5.49 -22.00
C ARG A 155 7.16 -5.22 -21.28
N LEU A 156 7.28 -4.05 -20.66
CA LEU A 156 8.51 -3.72 -19.93
C LEU A 156 8.71 -4.65 -18.74
N ILE A 157 7.63 -4.95 -18.03
CA ILE A 157 7.70 -5.87 -16.91
C ILE A 157 8.12 -7.27 -17.38
N ILE A 158 7.48 -7.80 -18.42
CA ILE A 158 7.88 -9.10 -18.96
C ILE A 158 9.35 -9.12 -19.38
N ARG A 159 9.83 -8.01 -19.93
CA ARG A 159 11.21 -7.91 -20.41
C ARG A 159 12.23 -7.99 -19.27
N HIS A 160 11.90 -7.41 -18.12
CA HIS A 160 12.89 -7.24 -17.05
C HIS A 160 12.66 -8.07 -15.79
N THR A 161 11.42 -8.47 -15.54
CA THR A 161 11.10 -9.19 -14.31
C THR A 161 10.68 -10.62 -14.63
N HIS A 162 11.66 -11.52 -14.67
CA HIS A 162 11.41 -12.90 -15.13
C HIS A 162 10.99 -13.76 -13.94
N ILE A 163 9.74 -13.60 -13.53
CA ILE A 163 9.23 -14.25 -12.35
C ILE A 163 8.11 -15.20 -12.73
N PRO A 164 8.30 -16.50 -12.46
CA PRO A 164 7.37 -17.55 -12.88
C PRO A 164 5.93 -17.32 -12.41
N ARG A 165 5.76 -16.69 -11.25
CA ARG A 165 4.42 -16.43 -10.76
C ARG A 165 3.63 -15.49 -11.65
N LEU A 166 4.31 -14.75 -12.52
CA LEU A 166 3.60 -13.86 -13.43
C LEU A 166 2.94 -14.62 -14.58
N ILE A 167 3.40 -15.84 -14.85
CA ILE A 167 2.88 -16.58 -16.01
C ILE A 167 1.37 -16.85 -15.93
N PRO A 168 0.85 -17.37 -14.78
CA PRO A 168 -0.61 -17.58 -14.73
C PRO A 168 -1.41 -16.29 -14.86
N VAL A 169 -0.91 -15.20 -14.31
CA VAL A 169 -1.60 -13.92 -14.42
C VAL A 169 -1.79 -13.55 -15.90
N ILE A 170 -0.73 -13.76 -16.69
CA ILE A 170 -0.75 -13.44 -18.10
C ILE A 170 -1.62 -14.40 -18.91
N THR A 171 -1.45 -15.71 -18.69
CA THR A 171 -2.18 -16.72 -19.45
C THR A 171 -3.68 -16.73 -19.17
N SER A 172 -4.06 -16.32 -17.96
CA SER A 172 -5.47 -16.35 -17.57
C SER A 172 -6.30 -15.36 -18.37
N ASN A 173 -5.65 -14.41 -18.97
CA ASN A 173 -6.36 -13.44 -19.75
C ASN A 173 -6.54 -13.87 -21.19
N CYS A 174 -6.05 -15.06 -21.50
CA CYS A 174 -6.03 -15.66 -22.82
C CYS A 174 -7.39 -15.97 -23.28
N THR A 175 -8.23 -16.00 -22.31
CA THR A 175 -9.59 -16.51 -22.49
C THR A 175 -10.64 -15.44 -22.19
N SER A 176 -10.23 -14.17 -22.30
CA SER A 176 -11.10 -13.04 -22.06
C SER A 176 -12.18 -12.90 -23.13
N LYS A 177 -13.35 -12.39 -22.74
CA LYS A 177 -14.40 -12.11 -23.72
C LYS A 177 -13.96 -10.93 -24.59
N SER A 178 -13.11 -10.06 -24.03
CA SER A 178 -12.51 -8.98 -24.79
C SER A 178 -11.46 -9.50 -25.76
N VAL A 179 -11.73 -9.38 -27.06
CA VAL A 179 -10.81 -9.88 -28.08
C VAL A 179 -9.47 -9.16 -28.03
N ALA A 180 -9.52 -7.87 -27.68
CA ALA A 180 -8.32 -7.06 -27.53
C ALA A 180 -7.41 -7.65 -26.45
N VAL A 181 -7.98 -7.97 -25.30
CA VAL A 181 -7.24 -8.61 -24.23
C VAL A 181 -6.63 -9.94 -24.72
N ARG A 182 -7.39 -10.73 -25.48
CA ARG A 182 -6.88 -12.00 -25.99
C ARG A 182 -5.69 -11.82 -26.95
N ARG A 183 -5.82 -10.88 -27.89
CA ARG A 183 -4.72 -10.60 -28.81
C ARG A 183 -3.46 -10.16 -28.08
N ARG A 184 -3.60 -9.20 -27.17
CA ARG A 184 -2.46 -8.70 -26.40
C ARG A 184 -1.84 -9.81 -25.58
N CYS A 185 -2.69 -10.66 -24.99
CA CYS A 185 -2.26 -11.77 -24.16
C CYS A 185 -1.31 -12.67 -24.90
N PHE A 186 -1.64 -13.02 -26.12
CA PHE A 186 -0.76 -13.87 -26.89
C PHE A 186 0.45 -13.09 -27.41
N GLU A 187 0.31 -11.78 -27.61
CA GLU A 187 1.49 -10.95 -27.91
C GLU A 187 2.46 -10.96 -26.71
N PHE A 188 1.90 -10.76 -25.52
CA PHE A 188 2.68 -10.82 -24.28
C PHE A 188 3.35 -12.19 -24.09
N LEU A 189 2.58 -13.25 -24.36
CA LEU A 189 3.09 -14.61 -24.19
C LEU A 189 4.22 -14.88 -25.18
N ASP A 190 4.06 -14.39 -26.40
CA ASP A 190 5.09 -14.54 -27.42
C ASP A 190 6.39 -13.88 -26.95
N LEU A 191 6.26 -12.65 -26.46
CA LEU A 191 7.39 -11.91 -25.94
C LEU A 191 8.06 -12.65 -24.77
N LEU A 192 7.25 -13.15 -23.84
CA LEU A 192 7.76 -13.86 -22.67
C LEU A 192 8.54 -15.11 -23.08
N LEU A 193 8.02 -15.87 -24.03
CA LEU A 193 8.71 -17.09 -24.47
C LEU A 193 10.01 -16.75 -25.19
N GLN A 194 10.08 -15.59 -25.81
CA GLN A 194 11.26 -15.18 -26.53
C GLN A 194 12.31 -14.61 -25.59
N GLU A 195 11.86 -13.95 -24.53
CA GLU A 195 12.75 -13.28 -23.58
C GLU A 195 13.23 -14.12 -22.40
N TRP A 196 12.37 -14.98 -21.87
CA TRP A 196 12.73 -15.75 -20.67
C TRP A 196 13.51 -17.03 -21.00
N GLN A 197 14.43 -17.37 -20.11
CA GLN A 197 15.18 -18.62 -20.21
C GLN A 197 14.28 -19.80 -19.89
N THR A 198 14.63 -20.98 -20.41
CA THR A 198 13.89 -22.20 -20.16
C THR A 198 13.62 -22.45 -18.68
N HIS A 199 14.62 -22.28 -17.83
CA HIS A 199 14.43 -22.60 -16.41
C HIS A 199 13.34 -21.74 -15.77
N SER A 200 13.07 -20.55 -16.32
CA SER A 200 12.01 -19.70 -15.78
C SER A 200 10.61 -20.21 -16.16
N LEU A 201 10.55 -21.19 -17.05
CA LEU A 201 9.28 -21.67 -17.58
C LEU A 201 8.92 -23.06 -17.10
N GLU A 202 9.88 -23.76 -16.49
CA GLU A 202 9.76 -25.18 -16.22
C GLU A 202 8.66 -25.59 -15.23
N ARG A 203 8.27 -24.67 -14.35
CA ARG A 203 7.19 -24.99 -13.42
C ARG A 203 5.83 -24.79 -14.07
N HIS A 204 5.80 -24.25 -15.29
CA HIS A 204 4.53 -23.87 -15.90
C HIS A 204 4.32 -24.45 -17.30
N ILE A 205 4.96 -25.57 -17.59
CA ILE A 205 4.87 -26.19 -18.91
C ILE A 205 3.43 -26.48 -19.33
N SER A 206 2.67 -27.14 -18.45
CA SER A 206 1.29 -27.51 -18.77
C SER A 206 0.37 -26.32 -19.04
N VAL A 207 0.44 -25.30 -18.20
CA VAL A 207 -0.46 -24.16 -18.39
C VAL A 207 -0.08 -23.41 -19.67
N LEU A 208 1.19 -23.39 -20.01
CA LEU A 208 1.62 -22.78 -21.27
C LEU A 208 1.04 -23.54 -22.45
N ALA A 209 1.20 -24.85 -22.43
CA ALA A 209 0.69 -25.71 -23.51
C ALA A 209 -0.82 -25.59 -23.72
N GLU A 210 -1.58 -25.64 -22.62
CA GLU A 210 -3.04 -25.51 -22.70
C GLU A 210 -3.47 -24.12 -23.16
N THR A 211 -2.77 -23.09 -22.70
CA THR A 211 -3.08 -21.73 -23.13
C THR A 211 -2.83 -21.55 -24.63
N ILE A 212 -1.72 -22.09 -25.11
CA ILE A 212 -1.39 -22.02 -26.52
C ILE A 212 -2.39 -22.84 -27.33
N LYS A 213 -2.78 -24.00 -26.80
CA LYS A 213 -3.78 -24.82 -27.46
C LYS A 213 -5.08 -24.05 -27.67
N LYS A 214 -5.54 -23.34 -26.65
CA LYS A 214 -6.77 -22.57 -26.76
C LYS A 214 -6.63 -21.47 -27.79
N GLY A 215 -5.47 -20.81 -27.82
CA GLY A 215 -5.21 -19.76 -28.78
C GLY A 215 -5.22 -20.21 -30.23
N ILE A 216 -4.67 -21.40 -30.47
CA ILE A 216 -4.66 -22.01 -31.79
C ILE A 216 -6.10 -22.21 -32.29
N HIS A 217 -7.03 -22.49 -31.37
CA HIS A 217 -8.43 -22.67 -31.76
C HIS A 217 -9.27 -21.40 -31.57
N ASP A 218 -8.62 -20.26 -31.41
CA ASP A 218 -9.34 -19.02 -31.11
C ASP A 218 -10.22 -18.61 -32.29
N ALA A 219 -11.34 -17.95 -31.99
CA ALA A 219 -12.27 -17.53 -33.03
C ALA A 219 -11.69 -16.36 -33.82
N ASP A 220 -10.76 -15.64 -33.20
CA ASP A 220 -10.19 -14.44 -33.78
C ASP A 220 -8.96 -14.77 -34.61
N SER A 221 -8.87 -14.18 -35.80
CA SER A 221 -7.77 -14.47 -36.71
C SER A 221 -6.43 -13.94 -36.21
N GLU A 222 -6.41 -12.70 -35.72
CA GLU A 222 -5.17 -12.11 -35.21
C GLU A 222 -4.69 -12.87 -33.99
N ALA A 223 -5.60 -13.25 -33.12
CA ALA A 223 -5.25 -14.03 -31.94
C ALA A 223 -4.61 -15.37 -32.33
N ARG A 224 -5.16 -16.04 -33.34
CA ARG A 224 -4.58 -17.31 -33.81
C ARG A 224 -3.15 -17.15 -34.29
N ILE A 225 -2.90 -16.10 -35.06
CA ILE A 225 -1.56 -15.79 -35.56
C ILE A 225 -0.54 -15.62 -34.41
N GLU A 226 -0.94 -14.91 -33.37
CA GLU A 226 -0.04 -14.71 -32.24
C GLU A 226 0.15 -16.02 -31.48
N ALA A 227 -0.92 -16.80 -31.38
CA ALA A 227 -0.85 -18.08 -30.69
C ALA A 227 0.14 -19.02 -31.40
N ARG A 228 0.19 -18.93 -32.73
CA ARG A 228 1.08 -19.81 -33.47
C ARG A 228 2.54 -19.39 -33.23
N LYS A 229 2.77 -18.09 -33.10
CA LYS A 229 4.09 -17.59 -32.68
C LYS A 229 4.45 -18.16 -31.32
N CYS A 230 3.49 -18.16 -30.40
CA CYS A 230 3.68 -18.74 -29.07
C CYS A 230 4.02 -20.22 -29.16
N TYR A 231 3.33 -20.94 -30.04
CA TYR A 231 3.58 -22.37 -30.20
C TYR A 231 5.06 -22.64 -30.47
N TRP A 232 5.63 -21.90 -31.42
CA TRP A 232 6.99 -22.19 -31.84
C TRP A 232 7.99 -21.68 -30.81
N GLY A 233 7.65 -20.61 -30.10
CA GLY A 233 8.45 -20.18 -28.97
C GLY A 233 8.48 -21.28 -27.92
N PHE A 234 7.30 -21.79 -27.58
CA PHE A 234 7.16 -22.88 -26.62
C PHE A 234 7.93 -24.13 -27.07
N HIS A 235 7.80 -24.45 -28.36
CA HIS A 235 8.49 -25.59 -28.96
C HIS A 235 10.00 -25.50 -28.76
N SER A 236 10.56 -24.30 -28.94
CA SER A 236 12.01 -24.13 -28.84
C SER A 236 12.49 -24.42 -27.42
N HIS A 237 11.64 -24.21 -26.43
CA HIS A 237 11.98 -24.54 -25.04
C HIS A 237 11.71 -26.01 -24.70
N PHE A 238 10.56 -26.51 -25.14
CA PHE A 238 10.09 -27.84 -24.78
C PHE A 238 9.59 -28.59 -25.99
N SER A 239 10.50 -29.17 -26.76
CA SER A 239 10.11 -29.79 -28.02
C SER A 239 9.25 -31.03 -27.78
N ARG A 240 9.59 -31.83 -26.77
CA ARG A 240 8.83 -33.01 -26.44
C ARG A 240 7.34 -32.69 -26.18
N GLU A 241 7.10 -31.77 -25.27
CA GLU A 241 5.74 -31.40 -24.91
C GLU A 241 5.00 -30.69 -26.05
N ALA A 242 5.71 -29.91 -26.85
CA ALA A 242 5.10 -29.22 -27.99
C ALA A 242 4.72 -30.18 -29.11
N GLU A 243 5.54 -31.20 -29.33
CA GLU A 243 5.22 -32.23 -30.32
C GLU A 243 3.98 -33.01 -29.88
N HIS A 244 3.88 -33.31 -28.59
CA HIS A 244 2.70 -33.99 -28.05
C HIS A 244 1.43 -33.16 -28.28
N LEU A 245 1.51 -31.87 -27.98
CA LEU A 245 0.41 -30.95 -28.22
C LEU A 245 0.03 -30.93 -29.70
N TYR A 246 1.05 -30.90 -30.56
CA TYR A 246 0.86 -30.88 -32.02
C TYR A 246 -0.02 -32.05 -32.47
N HIS A 247 0.26 -33.24 -31.93
CA HIS A 247 -0.42 -34.44 -32.39
C HIS A 247 -1.81 -34.63 -31.79
N THR A 248 -2.22 -33.73 -30.90
CA THR A 248 -3.58 -33.77 -30.39
C THR A 248 -4.48 -32.85 -31.22
N LEU A 249 -3.87 -32.16 -32.18
CA LEU A 249 -4.59 -31.21 -33.01
C LEU A 249 -5.20 -31.87 -34.24
N GLU A 250 -6.37 -31.38 -34.65
CA GLU A 250 -6.96 -31.82 -35.91
C GLU A 250 -6.07 -31.32 -37.05
N SER A 251 -6.20 -31.99 -38.19
CA SER A 251 -5.30 -31.80 -39.32
C SER A 251 -5.19 -30.35 -39.80
N SER A 252 -6.31 -29.63 -39.83
CA SER A 252 -6.31 -28.25 -40.31
C SER A 252 -5.40 -27.34 -39.45
N TYR A 253 -5.44 -27.52 -38.13
CA TYR A 253 -4.65 -26.68 -37.23
C TYR A 253 -3.16 -27.03 -37.32
N GLN A 254 -2.86 -28.30 -37.55
CA GLN A 254 -1.48 -28.74 -37.74
C GLN A 254 -0.86 -28.08 -38.97
N LYS A 255 -1.63 -27.98 -40.04
CA LYS A 255 -1.11 -27.39 -41.27
C LYS A 255 -0.92 -25.89 -41.10
N ALA A 256 -1.87 -25.23 -40.43
CA ALA A 256 -1.73 -23.81 -40.12
C ALA A 256 -0.45 -23.53 -39.32
N LEU A 257 -0.11 -24.43 -38.41
CA LEU A 257 1.12 -24.27 -37.62
C LEU A 257 2.35 -24.40 -38.48
N GLN A 258 2.27 -25.25 -39.51
CA GLN A 258 3.41 -25.49 -40.39
C GLN A 258 3.64 -24.36 -41.40
N SER A 259 2.72 -23.39 -41.42
CA SER A 259 2.83 -22.26 -42.35
C SER A 259 3.61 -21.09 -41.75
N GLY B 16 -5.49 -7.93 24.20
CA GLY B 16 -5.30 -6.53 23.87
C GLY B 16 -6.34 -5.61 24.49
N ALA B 17 -7.52 -6.16 24.77
CA ALA B 17 -8.60 -5.38 25.38
C ALA B 17 -8.21 -4.90 26.78
N VAL B 18 -7.50 -5.74 27.52
CA VAL B 18 -7.02 -5.41 28.86
C VAL B 18 -5.97 -4.30 28.81
N ASP B 19 -5.10 -4.36 27.80
CA ASP B 19 -4.06 -3.35 27.63
C ASP B 19 -4.65 -1.99 27.35
N GLU B 20 -5.75 -1.96 26.61
CA GLU B 20 -6.42 -0.71 26.32
C GLU B 20 -7.03 -0.13 27.61
N GLU B 21 -7.63 -1.01 28.41
CA GLU B 21 -8.18 -0.60 29.71
C GLU B 21 -7.10 -0.03 30.62
N ASP B 22 -5.94 -0.70 30.63
CA ASP B 22 -4.81 -0.28 31.47
C ASP B 22 -4.30 1.11 31.12
N PHE B 23 -4.26 1.41 29.82
CA PHE B 23 -3.98 2.76 29.33
C PHE B 23 -4.93 3.78 29.91
N ILE B 24 -6.21 3.53 29.70
CA ILE B 24 -7.25 4.44 30.13
C ILE B 24 -7.17 4.65 31.64
N LYS B 25 -6.94 3.56 32.36
CA LYS B 25 -6.80 3.62 33.81
C LYS B 25 -5.61 4.49 34.20
N ALA B 26 -4.54 4.43 33.41
CA ALA B 26 -3.34 5.20 33.69
C ALA B 26 -3.49 6.70 33.38
N PHE B 27 -4.53 7.08 32.64
CA PHE B 27 -4.74 8.49 32.30
C PHE B 27 -4.71 9.38 33.55
N ASP B 28 -5.44 8.98 34.59
CA ASP B 28 -5.54 9.85 35.76
C ASP B 28 -4.72 9.37 36.96
N ASP B 29 -3.89 8.35 36.74
CA ASP B 29 -2.95 7.93 37.77
C ASP B 29 -1.74 8.87 37.75
N VAL B 30 -1.99 10.15 38.00
CA VAL B 30 -1.02 11.22 37.90
C VAL B 30 -1.35 12.27 38.99
N PRO B 31 -0.38 13.12 39.35
CA PRO B 31 -0.68 14.08 40.42
C PRO B 31 -1.80 15.06 40.10
N VAL B 32 -2.55 15.44 41.12
CA VAL B 32 -3.54 16.51 41.00
C VAL B 32 -2.83 17.86 41.02
N VAL B 33 -3.00 18.65 39.97
CA VAL B 33 -2.47 20.00 39.95
C VAL B 33 -3.59 21.00 39.74
N GLN B 34 -3.33 22.26 40.07
CA GLN B 34 -4.23 23.36 39.76
C GLN B 34 -3.52 24.32 38.81
N ILE B 35 -4.29 24.96 37.93
CA ILE B 35 -3.78 25.98 37.02
C ILE B 35 -4.25 27.36 37.51
N TYR B 36 -3.30 28.20 37.92
CA TYR B 36 -3.66 29.46 38.56
C TYR B 36 -3.94 30.59 37.57
N SER B 37 -3.24 30.56 36.43
CA SER B 37 -3.44 31.54 35.37
C SER B 37 -2.93 31.01 34.03
N SER B 38 -3.43 31.60 32.94
CA SER B 38 -2.95 31.25 31.60
C SER B 38 -1.42 31.41 31.51
N ARG B 39 -0.89 32.40 32.22
CA ARG B 39 0.55 32.60 32.25
C ARG B 39 1.29 31.44 32.90
N ASP B 40 0.79 30.98 34.05
CA ASP B 40 1.42 29.84 34.71
C ASP B 40 1.29 28.58 33.84
N LEU B 41 0.18 28.44 33.13
CA LEU B 41 0.00 27.28 32.26
C LEU B 41 1.04 27.26 31.15
N GLU B 42 1.24 28.40 30.51
CA GLU B 42 2.22 28.50 29.44
C GLU B 42 3.61 28.14 29.94
N GLU B 43 3.95 28.62 31.13
CA GLU B 43 5.25 28.32 31.72
C GLU B 43 5.40 26.84 32.07
N SER B 44 4.34 26.25 32.64
CA SER B 44 4.37 24.83 32.95
C SER B 44 4.65 23.99 31.70
N ILE B 45 3.98 24.31 30.60
CA ILE B 45 4.13 23.52 29.38
C ILE B 45 5.51 23.74 28.76
N ASN B 46 6.01 24.96 28.85
CA ASN B 46 7.36 25.22 28.34
C ASN B 46 8.44 24.47 29.14
N LYS B 47 8.30 24.43 30.45
CA LYS B 47 9.20 23.63 31.29
C LYS B 47 9.16 22.16 30.88
N ILE B 48 7.96 21.64 30.65
CA ILE B 48 7.78 20.27 30.16
C ILE B 48 8.50 20.04 28.83
N ARG B 49 8.36 20.99 27.91
CA ARG B 49 9.03 20.89 26.61
C ARG B 49 10.55 20.77 26.78
N GLU B 50 11.10 21.63 27.62
CA GLU B 50 12.55 21.64 27.87
C GLU B 50 13.03 20.34 28.49
N ILE B 51 12.26 19.80 29.43
CA ILE B 51 12.60 18.53 30.07
C ILE B 51 12.63 17.41 29.04
N LEU B 52 11.61 17.39 28.21
CA LEU B 52 11.42 16.37 27.21
C LEU B 52 12.35 16.44 26.01
N SER B 53 12.92 17.60 25.80
CA SER B 53 13.69 17.86 24.60
C SER B 53 15.16 17.59 24.69
N ASP B 54 15.66 17.28 25.87
CA ASP B 54 17.03 16.89 26.05
C ASP B 54 16.88 15.45 26.26
N ASP B 55 17.31 14.63 25.32
CA ASP B 55 17.29 13.18 25.56
C ASP B 55 18.29 12.78 26.66
N LYS B 56 18.91 13.77 27.25
CA LYS B 56 19.93 13.57 28.22
C LYS B 56 19.46 13.91 29.63
N HIS B 57 18.29 14.52 29.75
CA HIS B 57 17.60 14.75 31.02
C HIS B 57 17.26 13.37 31.53
N ASP B 58 17.17 13.21 32.83
CA ASP B 58 16.88 11.94 33.47
C ASP B 58 15.55 11.27 33.03
N TRP B 59 15.57 9.99 32.74
CA TRP B 59 14.41 9.31 32.19
C TRP B 59 13.20 9.38 33.11
N GLU B 60 13.43 9.32 34.41
CA GLU B 60 12.34 9.40 35.35
C GLU B 60 11.73 10.81 35.28
N GLN B 61 12.58 11.79 35.06
CA GLN B 61 12.12 13.16 34.96
C GLN B 61 11.28 13.37 33.73
N ARG B 62 11.58 12.61 32.70
CA ARG B 62 10.86 12.74 31.44
C ARG B 62 9.54 12.00 31.53
N VAL B 63 9.53 10.86 32.22
CA VAL B 63 8.27 10.17 32.52
C VAL B 63 7.35 11.10 33.32
N ASN B 64 7.91 11.79 34.30
CA ASN B 64 7.10 12.67 35.13
C ASN B 64 6.62 13.90 34.38
N ALA B 65 7.40 14.39 33.42
CA ALA B 65 6.93 15.48 32.57
C ALA B 65 5.77 15.02 31.67
N LEU B 66 5.87 13.82 31.11
CA LEU B 66 4.77 13.28 30.31
C LEU B 66 3.50 13.12 31.14
N LYS B 67 3.66 12.66 32.38
CA LYS B 67 2.53 12.55 33.29
C LYS B 67 1.94 13.93 33.60
N LYS B 68 2.78 14.96 33.70
CA LYS B 68 2.27 16.28 34.08
C LYS B 68 1.35 16.84 33.00
N ILE B 69 1.60 16.46 31.74
CA ILE B 69 0.69 16.84 30.66
C ILE B 69 -0.71 16.30 30.97
N ARG B 70 -0.78 15.05 31.45
CA ARG B 70 -2.08 14.47 31.84
C ARG B 70 -2.68 15.20 33.04
N SER B 71 -1.84 15.55 34.01
CA SER B 71 -2.29 16.37 35.15
C SER B 71 -2.95 17.66 34.68
N LEU B 72 -2.27 18.33 33.76
CA LEU B 72 -2.73 19.62 33.25
C LEU B 72 -4.05 19.48 32.49
N LEU B 73 -4.18 18.41 31.69
CA LEU B 73 -5.45 18.13 31.04
C LEU B 73 -6.58 17.99 32.06
N LEU B 74 -6.33 17.22 33.11
CA LEU B 74 -7.34 16.95 34.13
C LEU B 74 -7.66 18.20 34.95
N ALA B 75 -6.73 19.15 35.00
CA ALA B 75 -6.98 20.42 35.69
C ALA B 75 -7.68 21.42 34.76
N GLY B 76 -7.99 21.00 33.54
CA GLY B 76 -8.73 21.85 32.60
C GLY B 76 -7.92 22.74 31.68
N ALA B 77 -6.71 22.30 31.31
CA ALA B 77 -5.85 23.08 30.41
C ALA B 77 -6.52 23.44 29.08
N ALA B 78 -7.40 22.57 28.58
CA ALA B 78 -8.00 22.78 27.26
C ALA B 78 -8.95 23.98 27.22
N GLU B 79 -9.29 24.51 28.40
CA GLU B 79 -10.16 25.68 28.50
C GLU B 79 -9.40 26.99 28.31
N TYR B 80 -8.07 26.92 28.36
CA TYR B 80 -7.25 28.13 28.21
C TYR B 80 -7.03 28.44 26.73
N ASP B 81 -7.25 29.70 26.39
CA ASP B 81 -7.30 30.14 24.98
C ASP B 81 -6.13 29.69 24.15
N ASN B 82 -4.95 29.75 24.75
CA ASN B 82 -3.71 29.55 24.01
C ASN B 82 -3.15 28.14 24.16
N PHE B 83 -3.92 27.25 24.77
CA PHE B 83 -3.42 25.94 25.12
C PHE B 83 -2.99 25.17 23.87
N PHE B 84 -3.73 25.30 22.77
CA PHE B 84 -3.39 24.53 21.56
C PHE B 84 -2.14 25.07 20.89
N GLN B 85 -1.90 26.37 21.07
CA GLN B 85 -0.63 26.93 20.63
C GLN B 85 0.52 26.32 21.44
N HIS B 86 0.37 26.26 22.76
CA HIS B 86 1.40 25.65 23.61
C HIS B 86 1.62 24.20 23.22
N LEU B 87 0.52 23.50 22.99
CA LEU B 87 0.55 22.07 22.67
C LEU B 87 1.29 21.78 21.36
N ARG B 88 1.12 22.64 20.35
CA ARG B 88 1.78 22.42 19.07
C ARG B 88 3.30 22.42 19.23
N LEU B 89 3.78 23.22 20.18
CA LEU B 89 5.21 23.35 20.41
C LEU B 89 5.83 22.10 21.03
N LEU B 90 4.99 21.17 21.48
CA LEU B 90 5.49 19.90 22.03
C LEU B 90 5.67 18.80 20.98
N ASP B 91 5.46 19.11 19.70
CA ASP B 91 5.49 18.10 18.65
C ASP B 91 6.84 17.37 18.61
N GLY B 92 7.93 18.14 18.65
CA GLY B 92 9.27 17.59 18.69
C GLY B 92 9.52 16.73 19.91
N ALA B 93 9.10 17.22 21.08
CA ALA B 93 9.21 16.50 22.34
C ALA B 93 8.50 15.15 22.32
N PHE B 94 7.29 15.11 21.76
CA PHE B 94 6.54 13.86 21.66
C PHE B 94 7.30 12.87 20.78
N LYS B 95 7.86 13.36 19.69
CA LYS B 95 8.57 12.51 18.76
C LYS B 95 9.81 11.93 19.43
N LEU B 96 10.58 12.80 20.07
CA LEU B 96 11.73 12.36 20.83
C LEU B 96 11.37 11.30 21.86
N SER B 97 10.28 11.52 22.57
CA SER B 97 9.86 10.63 23.65
C SER B 97 9.45 9.27 23.13
N ALA B 98 8.73 9.27 22.01
CA ALA B 98 8.26 8.03 21.40
C ALA B 98 9.40 7.24 20.76
N LYS B 99 10.51 7.91 20.46
CA LYS B 99 11.69 7.26 19.87
C LYS B 99 12.72 6.87 20.91
N ASP B 100 12.40 7.05 22.19
CA ASP B 100 13.40 6.86 23.24
C ASP B 100 13.81 5.39 23.34
N LEU B 101 15.06 5.15 23.71
CA LEU B 101 15.56 3.78 23.87
C LEU B 101 14.86 3.07 25.03
N ARG B 102 14.40 3.85 26.01
CA ARG B 102 13.78 3.27 27.20
C ARG B 102 12.28 3.15 27.03
N SER B 103 11.77 1.92 27.12
CA SER B 103 10.33 1.67 26.99
C SER B 103 9.51 2.42 28.05
N GLN B 104 10.11 2.73 29.20
CA GLN B 104 9.40 3.51 30.22
C GLN B 104 8.94 4.83 29.63
N VAL B 105 9.83 5.49 28.90
CA VAL B 105 9.55 6.77 28.28
C VAL B 105 8.58 6.59 27.13
N VAL B 106 8.86 5.64 26.24
CA VAL B 106 7.99 5.39 25.10
C VAL B 106 6.56 5.12 25.53
N ARG B 107 6.39 4.22 26.51
CA ARG B 107 5.06 3.87 26.98
C ARG B 107 4.34 5.08 27.60
N GLU B 108 5.05 5.87 28.40
CA GLU B 108 4.39 7.02 29.03
C GLU B 108 3.95 8.03 27.96
N ALA B 109 4.79 8.21 26.94
CA ALA B 109 4.43 9.09 25.83
C ALA B 109 3.16 8.59 25.13
N CYS B 110 3.09 7.29 24.87
CA CYS B 110 1.91 6.70 24.24
C CYS B 110 0.66 6.87 25.09
N ILE B 111 0.80 6.70 26.40
CA ILE B 111 -0.33 6.96 27.31
C ILE B 111 -0.75 8.43 27.24
N THR B 112 0.22 9.34 27.30
CA THR B 112 -0.12 10.75 27.23
C THR B 112 -0.74 11.17 25.88
N LEU B 113 -0.27 10.58 24.79
CA LEU B 113 -0.86 10.84 23.47
C LEU B 113 -2.27 10.30 23.41
N GLY B 114 -2.49 9.12 23.97
CA GLY B 114 -3.82 8.55 24.02
C GLY B 114 -4.73 9.41 24.86
N HIS B 115 -4.19 9.96 25.94
CA HIS B 115 -4.97 10.84 26.79
C HIS B 115 -5.38 12.11 26.06
N LEU B 116 -4.42 12.73 25.38
CA LEU B 116 -4.68 13.93 24.59
C LEU B 116 -5.76 13.70 23.55
N SER B 117 -5.64 12.59 22.83
CA SER B 117 -6.65 12.28 21.82
C SER B 117 -8.03 12.13 22.48
N SER B 118 -8.07 11.42 23.60
CA SER B 118 -9.33 11.16 24.31
C SER B 118 -10.01 12.43 24.80
N VAL B 119 -9.22 13.36 25.32
CA VAL B 119 -9.77 14.59 25.90
C VAL B 119 -10.09 15.64 24.83
N LEU B 120 -9.19 15.81 23.87
CA LEU B 120 -9.29 16.88 22.88
C LEU B 120 -10.03 16.47 21.61
N GLY B 121 -10.13 15.17 21.36
CA GLY B 121 -10.79 14.65 20.17
C GLY B 121 -10.28 15.21 18.85
N ASN B 122 -11.17 15.79 18.06
CA ASN B 122 -10.76 16.29 16.75
C ASN B 122 -9.84 17.48 16.85
N LYS B 123 -9.77 18.10 18.03
CA LYS B 123 -8.84 19.21 18.25
C LYS B 123 -7.40 18.75 18.46
N PHE B 124 -7.16 17.45 18.47
CA PHE B 124 -5.78 16.93 18.51
C PHE B 124 -5.38 16.45 17.12
N ASP B 125 -6.08 16.92 16.08
CA ASP B 125 -5.81 16.39 14.73
C ASP B 125 -4.37 16.68 14.27
N HIS B 126 -3.88 17.90 14.51
CA HIS B 126 -2.53 18.24 14.08
C HIS B 126 -1.46 17.45 14.84
N GLY B 127 -1.65 17.33 16.16
CA GLY B 127 -0.70 16.59 16.99
C GLY B 127 -0.71 15.11 16.67
N ALA B 128 -1.89 14.56 16.42
CA ALA B 128 -1.99 13.14 16.07
C ALA B 128 -1.33 12.88 14.72
N GLU B 129 -1.58 13.75 13.74
CA GLU B 129 -0.94 13.66 12.43
C GLU B 129 0.57 13.72 12.54
N ALA B 130 1.06 14.66 13.35
CA ALA B 130 2.49 14.86 13.50
C ALA B 130 3.21 13.65 14.06
N ILE B 131 2.59 12.98 15.03
CA ILE B 131 3.25 11.89 15.78
C ILE B 131 3.01 10.51 15.17
N MET B 132 1.99 10.39 14.32
CA MET B 132 1.53 9.08 13.84
C MET B 132 2.61 8.16 13.25
N PRO B 133 3.48 8.67 12.34
CA PRO B 133 4.51 7.77 11.80
C PRO B 133 5.39 7.16 12.87
N THR B 134 5.73 7.93 13.90
CA THR B 134 6.60 7.46 14.96
C THR B 134 5.93 6.38 15.81
N ILE B 135 4.68 6.59 16.21
CA ILE B 135 4.03 5.53 17.00
C ILE B 135 3.63 4.33 16.13
N PHE B 136 3.39 4.53 14.85
CA PHE B 136 3.08 3.38 14.01
C PHE B 136 4.31 2.50 13.81
N ASN B 137 5.49 3.09 13.89
CA ASN B 137 6.75 2.33 13.80
C ASN B 137 6.97 1.37 14.99
N LEU B 138 6.18 1.52 16.04
CA LEU B 138 6.29 0.67 17.22
C LEU B 138 5.55 -0.66 17.04
N ILE B 139 4.55 -0.65 16.19
CA ILE B 139 3.67 -1.81 16.03
C ILE B 139 4.42 -3.11 15.69
N PRO B 140 5.40 -3.04 14.77
CA PRO B 140 6.07 -4.32 14.48
C PRO B 140 7.26 -4.65 15.39
N ASN B 141 7.50 -3.82 16.41
CA ASN B 141 8.59 -4.09 17.35
C ASN B 141 8.39 -5.44 18.03
N SER B 142 9.44 -6.25 18.12
CA SER B 142 9.28 -7.58 18.70
C SER B 142 9.12 -7.58 20.22
N ALA B 143 9.48 -6.46 20.87
CA ALA B 143 9.30 -6.33 22.30
C ALA B 143 7.85 -5.97 22.58
N LYS B 144 7.18 -6.84 23.34
CA LYS B 144 5.76 -6.74 23.60
C LYS B 144 5.35 -5.38 24.14
N ILE B 145 6.13 -4.81 25.06
CA ILE B 145 5.73 -3.56 25.68
C ILE B 145 5.78 -2.39 24.67
N MET B 146 6.74 -2.44 23.75
CA MET B 146 6.85 -1.45 22.69
C MET B 146 5.67 -1.55 21.73
N ALA B 147 5.45 -2.75 21.19
CA ALA B 147 4.36 -2.95 20.23
C ALA B 147 2.99 -2.64 20.84
N THR B 148 2.74 -3.12 22.06
CA THR B 148 1.45 -2.88 22.70
C THR B 148 1.19 -1.38 22.93
N SER B 149 2.20 -0.68 23.41
CA SER B 149 2.08 0.78 23.59
C SER B 149 1.70 1.47 22.30
N GLY B 150 2.29 1.02 21.19
CA GLY B 150 2.01 1.59 19.89
C GLY B 150 0.59 1.26 19.46
N VAL B 151 0.22 -0.02 19.60
CA VAL B 151 -1.10 -0.46 19.15
C VAL B 151 -2.21 0.29 19.88
N VAL B 152 -2.10 0.39 21.20
CA VAL B 152 -3.17 1.02 21.98
C VAL B 152 -3.26 2.51 21.70
N ALA B 153 -2.11 3.18 21.58
CA ALA B 153 -2.09 4.60 21.21
C ALA B 153 -2.82 4.85 19.87
N VAL B 154 -2.52 4.05 18.86
CA VAL B 154 -3.20 4.17 17.57
C VAL B 154 -4.70 3.89 17.68
N ARG B 155 -5.06 2.87 18.46
CA ARG B 155 -6.49 2.57 18.68
C ARG B 155 -7.23 3.74 19.33
N LEU B 156 -6.57 4.39 20.29
CA LEU B 156 -7.20 5.52 20.97
C LEU B 156 -7.34 6.70 20.01
N ILE B 157 -6.32 6.93 19.18
CA ILE B 157 -6.40 8.01 18.19
C ILE B 157 -7.51 7.73 17.18
N ILE B 158 -7.58 6.51 16.68
CA ILE B 158 -8.65 6.17 15.73
C ILE B 158 -10.01 6.44 16.34
N ARG B 159 -10.20 6.03 17.60
CA ARG B 159 -11.49 6.23 18.26
C ARG B 159 -11.90 7.69 18.43
N HIS B 160 -10.93 8.57 18.72
CA HIS B 160 -11.27 9.93 19.16
C HIS B 160 -10.87 11.03 18.19
N THR B 161 -9.83 10.81 17.40
CA THR B 161 -9.29 11.89 16.56
C THR B 161 -9.28 11.47 15.10
N HIS B 162 -10.34 11.83 14.38
CA HIS B 162 -10.58 11.26 13.05
C HIS B 162 -9.85 12.03 11.94
N ILE B 163 -8.63 11.60 11.66
CA ILE B 163 -7.78 12.23 10.66
C ILE B 163 -7.64 11.36 9.42
N PRO B 164 -8.24 11.80 8.30
CA PRO B 164 -8.17 11.02 7.05
C PRO B 164 -6.76 10.63 6.62
N ARG B 165 -5.74 11.45 6.92
CA ARG B 165 -4.38 11.11 6.49
C ARG B 165 -3.82 9.88 7.22
N LEU B 166 -4.50 9.43 8.25
CA LEU B 166 -4.15 8.18 8.91
C LEU B 166 -4.56 6.97 8.06
N ILE B 167 -5.61 7.14 7.25
CA ILE B 167 -6.14 5.97 6.53
C ILE B 167 -5.08 5.24 5.68
N PRO B 168 -4.29 5.96 4.85
CA PRO B 168 -3.34 5.19 4.02
C PRO B 168 -2.22 4.53 4.85
N VAL B 169 -1.93 5.08 6.03
CA VAL B 169 -0.95 4.46 6.91
C VAL B 169 -1.46 3.08 7.31
N ILE B 170 -2.75 3.02 7.66
CA ILE B 170 -3.33 1.74 8.06
C ILE B 170 -3.48 0.78 6.87
N THR B 171 -4.02 1.28 5.77
CA THR B 171 -4.32 0.42 4.62
C THR B 171 -3.02 -0.15 4.00
N SER B 172 -2.02 0.70 3.84
CA SER B 172 -0.79 0.27 3.20
C SER B 172 -0.05 -0.79 4.01
N ASN B 173 -0.20 -0.78 5.33
CA ASN B 173 0.48 -1.77 6.17
C ASN B 173 -0.33 -3.06 6.33
N CYS B 174 -1.50 -3.11 5.72
CA CYS B 174 -2.28 -4.33 5.71
C CYS B 174 -1.63 -5.42 4.84
N THR B 175 -0.60 -5.07 4.07
CA THR B 175 0.14 -6.09 3.30
C THR B 175 1.57 -6.33 3.83
N SER B 176 1.79 -5.99 5.09
CA SER B 176 3.07 -6.29 5.76
C SER B 176 3.46 -7.77 5.63
N LYS B 177 4.76 -8.05 5.65
CA LYS B 177 5.23 -9.43 5.69
C LYS B 177 5.01 -10.05 7.06
N SER B 178 4.76 -9.20 8.05
CA SER B 178 4.45 -9.69 9.38
C SER B 178 2.95 -9.93 9.51
N VAL B 179 2.57 -11.18 9.77
CA VAL B 179 1.16 -11.54 9.91
C VAL B 179 0.54 -10.81 11.10
N ALA B 180 1.31 -10.63 12.18
CA ALA B 180 0.81 -9.91 13.34
C ALA B 180 0.47 -8.46 13.00
N VAL B 181 1.32 -7.83 12.19
CA VAL B 181 1.08 -6.45 11.76
C VAL B 181 -0.16 -6.40 10.86
N ARG B 182 -0.30 -7.33 9.92
CA ARG B 182 -1.50 -7.35 9.08
C ARG B 182 -2.77 -7.49 9.92
N ARG B 183 -2.71 -8.34 10.95
CA ARG B 183 -3.85 -8.53 11.84
C ARG B 183 -4.20 -7.25 12.59
N ARG B 184 -3.18 -6.56 13.12
CA ARG B 184 -3.40 -5.31 13.85
C ARG B 184 -4.03 -4.28 12.96
N CYS B 185 -3.59 -4.26 11.69
CA CYS B 185 -4.05 -3.21 10.79
C CYS B 185 -5.48 -3.42 10.32
N PHE B 186 -5.88 -4.66 10.08
CA PHE B 186 -7.28 -4.94 9.75
C PHE B 186 -8.19 -4.75 10.97
N GLU B 187 -7.64 -4.94 12.16
CA GLU B 187 -8.34 -4.58 13.39
C GLU B 187 -8.54 -3.07 13.47
N PHE B 188 -7.46 -2.31 13.20
CA PHE B 188 -7.57 -0.85 13.11
C PHE B 188 -8.65 -0.43 12.11
N LEU B 189 -8.56 -1.01 10.92
CA LEU B 189 -9.47 -0.66 9.83
C LEU B 189 -10.93 -0.95 10.20
N ASP B 190 -11.15 -2.05 10.89
CA ASP B 190 -12.50 -2.42 11.34
C ASP B 190 -13.02 -1.38 12.32
N LEU B 191 -12.17 -1.02 13.28
CA LEU B 191 -12.51 0.01 14.26
C LEU B 191 -12.81 1.32 13.58
N LEU B 192 -11.94 1.71 12.66
CA LEU B 192 -12.08 2.99 11.96
C LEU B 192 -13.38 3.06 11.15
N LEU B 193 -13.71 1.99 10.42
CA LEU B 193 -14.95 1.95 9.64
C LEU B 193 -16.20 2.00 10.53
N GLN B 194 -16.09 1.48 11.74
CA GLN B 194 -17.20 1.49 12.69
C GLN B 194 -17.38 2.82 13.40
N GLU B 195 -16.28 3.53 13.64
CA GLU B 195 -16.32 4.75 14.46
C GLU B 195 -16.37 6.05 13.66
N TRP B 196 -15.77 6.05 12.47
CA TRP B 196 -15.68 7.27 11.67
C TRP B 196 -16.92 7.53 10.83
N GLN B 197 -17.32 8.79 10.74
CA GLN B 197 -18.42 9.19 9.85
C GLN B 197 -18.04 9.02 8.38
N THR B 198 -19.04 8.81 7.53
CA THR B 198 -18.82 8.61 6.10
C THR B 198 -17.97 9.72 5.48
N HIS B 199 -18.22 10.96 5.89
CA HIS B 199 -17.47 12.08 5.32
C HIS B 199 -15.97 12.04 5.66
N SER B 200 -15.62 11.36 6.75
CA SER B 200 -14.21 11.20 7.12
C SER B 200 -13.50 10.19 6.22
N LEU B 201 -14.29 9.47 5.42
CA LEU B 201 -13.80 8.34 4.63
C LEU B 201 -13.82 8.61 3.12
N GLU B 202 -14.51 9.66 2.72
CA GLU B 202 -14.94 9.77 1.32
C GLU B 202 -13.80 10.16 0.37
N ARG B 203 -12.63 10.52 0.91
CA ARG B 203 -11.47 10.79 0.05
C ARG B 203 -10.59 9.55 -0.13
N HIS B 204 -10.94 8.46 0.53
CA HIS B 204 -10.12 7.26 0.47
C HIS B 204 -10.92 5.99 0.11
N ILE B 205 -12.03 6.18 -0.60
CA ILE B 205 -12.91 5.06 -0.95
C ILE B 205 -12.12 3.97 -1.68
N SER B 206 -11.29 4.37 -2.63
CA SER B 206 -10.53 3.44 -3.45
C SER B 206 -9.51 2.59 -2.67
N VAL B 207 -8.68 3.23 -1.84
CA VAL B 207 -7.66 2.47 -1.13
C VAL B 207 -8.33 1.58 -0.11
N LEU B 208 -9.48 2.01 0.43
CA LEU B 208 -10.21 1.18 1.36
C LEU B 208 -10.68 -0.10 0.66
N ALA B 209 -11.31 0.06 -0.52
CA ALA B 209 -11.84 -1.08 -1.25
C ALA B 209 -10.74 -2.07 -1.64
N GLU B 210 -9.65 -1.54 -2.17
CA GLU B 210 -8.54 -2.38 -2.64
C GLU B 210 -7.89 -3.13 -1.50
N THR B 211 -7.75 -2.47 -0.36
CA THR B 211 -7.12 -3.11 0.78
C THR B 211 -8.00 -4.23 1.30
N ILE B 212 -9.31 -4.01 1.33
CA ILE B 212 -10.25 -5.00 1.83
C ILE B 212 -10.30 -6.18 0.86
N LYS B 213 -10.28 -5.87 -0.42
CA LYS B 213 -10.24 -6.90 -1.47
C LYS B 213 -9.05 -7.83 -1.22
N LYS B 214 -7.87 -7.26 -0.97
CA LYS B 214 -6.66 -8.07 -0.76
C LYS B 214 -6.75 -8.89 0.53
N GLY B 215 -7.28 -8.26 1.58
CA GLY B 215 -7.38 -8.92 2.88
C GLY B 215 -8.32 -10.10 2.87
N ILE B 216 -9.35 -10.02 2.05
CA ILE B 216 -10.29 -11.11 1.86
C ILE B 216 -9.54 -12.34 1.32
N HIS B 217 -8.48 -12.09 0.57
CA HIS B 217 -7.66 -13.18 0.00
C HIS B 217 -6.39 -13.47 0.82
N ASP B 218 -6.32 -12.99 2.06
CA ASP B 218 -5.12 -13.19 2.87
C ASP B 218 -4.84 -14.66 3.13
N ALA B 219 -3.56 -15.01 3.24
CA ALA B 219 -3.17 -16.37 3.57
C ALA B 219 -3.56 -16.74 5.01
N ASP B 220 -3.64 -15.75 5.89
CA ASP B 220 -3.90 -16.00 7.31
C ASP B 220 -5.40 -15.98 7.63
N SER B 221 -5.83 -16.97 8.40
CA SER B 221 -7.24 -17.10 8.80
C SER B 221 -7.75 -15.89 9.59
N GLU B 222 -6.99 -15.49 10.62
CA GLU B 222 -7.38 -14.35 11.45
C GLU B 222 -7.51 -13.05 10.66
N ALA B 223 -6.57 -12.84 9.74
CA ALA B 223 -6.61 -11.65 8.89
C ALA B 223 -7.83 -11.68 7.95
N ARG B 224 -8.16 -12.83 7.38
CA ARG B 224 -9.33 -12.93 6.51
C ARG B 224 -10.62 -12.60 7.26
N ILE B 225 -10.74 -13.13 8.49
CA ILE B 225 -11.89 -12.84 9.34
C ILE B 225 -12.06 -11.34 9.56
N GLU B 226 -10.98 -10.67 9.92
CA GLU B 226 -11.02 -9.23 10.16
C GLU B 226 -11.32 -8.48 8.88
N ALA B 227 -10.71 -8.90 7.77
CA ALA B 227 -10.95 -8.25 6.48
C ALA B 227 -12.42 -8.37 6.07
N ARG B 228 -13.09 -9.45 6.45
CA ARG B 228 -14.51 -9.59 6.11
C ARG B 228 -15.36 -8.65 6.97
N LYS B 229 -14.95 -8.44 8.22
CA LYS B 229 -15.61 -7.46 9.07
C LYS B 229 -15.47 -6.08 8.44
N CYS B 230 -14.28 -5.79 7.96
CA CYS B 230 -14.03 -4.55 7.25
C CYS B 230 -14.91 -4.38 6.02
N TYR B 231 -15.06 -5.44 5.23
CA TYR B 231 -15.91 -5.35 4.04
C TYR B 231 -17.31 -4.83 4.39
N TRP B 232 -17.90 -5.38 5.44
CA TRP B 232 -19.28 -5.02 5.74
C TRP B 232 -19.36 -3.63 6.39
N GLY B 233 -18.31 -3.24 7.12
CA GLY B 233 -18.21 -1.87 7.62
C GLY B 233 -18.10 -0.90 6.46
N PHE B 234 -17.28 -1.26 5.49
CA PHE B 234 -17.11 -0.45 4.27
C PHE B 234 -18.41 -0.37 3.46
N HIS B 235 -19.08 -1.51 3.33
CA HIS B 235 -20.33 -1.61 2.58
C HIS B 235 -21.37 -0.65 3.16
N SER B 236 -21.41 -0.54 4.49
CA SER B 236 -22.40 0.33 5.17
C SER B 236 -22.25 1.79 4.73
N HIS B 237 -21.01 2.20 4.54
CA HIS B 237 -20.70 3.56 4.12
C HIS B 237 -20.87 3.77 2.63
N PHE B 238 -20.39 2.79 1.84
CA PHE B 238 -20.33 2.94 0.39
C PHE B 238 -20.87 1.69 -0.32
N SER B 239 -22.18 1.56 -0.43
CA SER B 239 -22.77 0.32 -0.93
C SER B 239 -22.38 0.06 -2.38
N ARG B 240 -22.33 1.13 -3.17
CA ARG B 240 -22.09 1.00 -4.60
C ARG B 240 -20.69 0.44 -4.87
N GLU B 241 -19.69 1.05 -4.27
CA GLU B 241 -18.31 0.60 -4.47
C GLU B 241 -18.08 -0.79 -3.89
N ALA B 242 -18.78 -1.13 -2.80
CA ALA B 242 -18.64 -2.44 -2.17
C ALA B 242 -19.31 -3.56 -2.97
N GLU B 243 -20.43 -3.22 -3.60
CA GLU B 243 -21.10 -4.19 -4.47
C GLU B 243 -20.23 -4.47 -5.68
N HIS B 244 -19.66 -3.44 -6.28
CA HIS B 244 -18.74 -3.66 -7.39
C HIS B 244 -17.59 -4.58 -6.98
N LEU B 245 -17.01 -4.29 -5.82
CA LEU B 245 -15.96 -5.12 -5.24
C LEU B 245 -16.42 -6.57 -5.16
N TYR B 246 -17.63 -6.76 -4.62
CA TYR B 246 -18.21 -8.09 -4.44
C TYR B 246 -18.20 -8.90 -5.74
N HIS B 247 -18.53 -8.24 -6.84
CA HIS B 247 -18.66 -8.92 -8.13
C HIS B 247 -17.33 -9.11 -8.86
N THR B 248 -16.23 -8.60 -8.30
CA THR B 248 -14.92 -8.94 -8.84
C THR B 248 -14.40 -10.20 -8.17
N LEU B 249 -15.12 -10.65 -7.15
CA LEU B 249 -14.73 -11.82 -6.35
C LEU B 249 -15.19 -13.15 -6.94
N GLU B 250 -14.35 -14.18 -6.78
CA GLU B 250 -14.75 -15.54 -7.15
C GLU B 250 -15.79 -16.04 -6.15
N SER B 251 -16.55 -17.05 -6.56
CA SER B 251 -17.71 -17.54 -5.81
C SER B 251 -17.42 -17.93 -4.37
N SER B 252 -16.26 -18.54 -4.15
CA SER B 252 -15.93 -19.05 -2.82
C SER B 252 -15.79 -17.91 -1.83
N TYR B 253 -15.17 -16.83 -2.30
CA TYR B 253 -14.97 -15.66 -1.44
C TYR B 253 -16.28 -14.91 -1.28
N GLN B 254 -17.05 -14.83 -2.36
CA GLN B 254 -18.38 -14.23 -2.32
C GLN B 254 -19.25 -14.92 -1.28
N LYS B 255 -19.09 -16.23 -1.16
CA LYS B 255 -19.89 -16.99 -0.21
C LYS B 255 -19.39 -16.82 1.22
N ALA B 256 -18.07 -16.70 1.38
CA ALA B 256 -17.50 -16.45 2.70
C ALA B 256 -18.01 -15.12 3.27
N LEU B 257 -18.19 -14.14 2.39
CA LEU B 257 -18.73 -12.83 2.79
C LEU B 257 -20.18 -12.92 3.22
N GLN B 258 -20.98 -13.65 2.43
CA GLN B 258 -22.42 -13.79 2.67
C GLN B 258 -22.71 -14.48 3.99
N SER B 259 -21.73 -15.21 4.51
CA SER B 259 -21.91 -15.96 5.74
C SER B 259 -21.83 -15.09 6.98
#